data_4X0N
#
_entry.id   4X0N
#
_cell.length_a   43.750
_cell.length_b   103.280
_cell.length_c   111.896
_cell.angle_alpha   90.00
_cell.angle_beta   90.00
_cell.angle_gamma   90.00
#
_symmetry.space_group_name_H-M   'P 21 21 21'
#
loop_
_entity.id
_entity.type
_entity.pdbx_description
1 polymer 'Pancreatic alpha-amylase'
2 polymer Helianthamide
3 non-polymer 'CHLORIDE ION'
4 non-polymer 'CALCIUM ION'
5 non-polymer GLYCEROL
6 water water
#
loop_
_entity_poly.entity_id
_entity_poly.type
_entity_poly.pdbx_seq_one_letter_code
_entity_poly.pdbx_strand_id
1 'polypeptide(L)'
;(PCA)YAPQTQSGRTSIVHLFEWRWVDIALECERYLGPKGFGGVQVSPPNENVVVTNPSRPWWERYQPVSYKLCTRSGNE
NEFRDMVTRCNNVGVRIYVDAVINHMCGSGAAAGTGTTCGSYCNPGSREFPAVPYSAWDFNDGKCKTASGGIESYNDPYQ
VRDCQLVGLLDLALEKDYVRSMIADYLNKLIDIGVAGFRIDASKHMWPGDIKAVLDKLHNLNTNWFPAGSRPFIFQEVID
LGGEAISSSEYFGNGRVTEFKYGAKLGTVVRKWSGEKMSYLKNWGEGWGFMPSDRALVFVDNHDNQRGHGAGGSSILTFW
DARLYKVAVGFMLAHPYGFTRVMSSYRWARNFVNGEDVNDWIGPPNNNGVIKEVTINADTTCGNDWVCEHRWREIRNMVW
FRNVVDGQPFANWWDNGSNQVAFGRGNRGFIVFNNDDWQLSSTLQTGLPGGTYCNVISGDKVGNSCTGIKVYVSSDGTAQ
FSISNSAQDPFIAIHAESKL
;
A
2 'polypeptide(L)' ESGNSCYIYHGVSGICKASCAEDEKAMAGMGVCEGHLCCYKTPW B
#
# COMPACT_ATOMS: atom_id res chain seq x y z
N TYR A 2 -8.88 14.24 -1.00
CA TYR A 2 -8.20 14.26 -2.29
C TYR A 2 -6.81 14.89 -2.16
N ALA A 3 -6.73 15.97 -1.37
CA ALA A 3 -5.44 16.53 -0.99
C ALA A 3 -4.92 15.74 0.21
N PRO A 4 -3.69 15.22 0.10
CA PRO A 4 -3.13 14.29 1.09
C PRO A 4 -3.01 14.86 2.50
N GLN A 5 -2.95 16.19 2.61
CA GLN A 5 -2.84 16.89 3.90
C GLN A 5 -1.51 16.56 4.59
N THR A 6 -0.53 16.13 3.79
CA THR A 6 0.83 16.01 4.28
C THR A 6 1.39 17.41 4.47
N GLN A 7 2.43 17.54 5.28
CA GLN A 7 3.10 18.82 5.46
C GLN A 7 3.58 19.29 4.10
N SER A 8 3.66 20.60 3.91
CA SER A 8 3.98 21.16 2.60
C SER A 8 5.29 20.60 2.05
N GLY A 9 5.24 20.11 0.81
CA GLY A 9 6.44 19.66 0.14
C GLY A 9 6.69 18.16 0.22
N ARG A 10 5.93 17.47 1.06
CA ARG A 10 6.07 16.02 1.24
C ARG A 10 5.04 15.20 0.46
N THR A 11 5.53 14.26 -0.35
CA THR A 11 4.77 13.67 -1.44
C THR A 11 4.57 12.15 -1.38
N SER A 12 4.97 11.51 -0.30
CA SER A 12 4.80 10.06 -0.19
C SER A 12 4.32 9.58 1.18
N ILE A 13 3.76 8.37 1.20
CA ILE A 13 3.44 7.69 2.44
C ILE A 13 4.23 6.39 2.53
N VAL A 14 4.52 5.95 3.75
CA VAL A 14 5.14 4.64 3.95
C VAL A 14 4.18 3.77 4.75
N HIS A 15 4.00 2.53 4.31
CA HIS A 15 3.20 1.58 5.07
C HIS A 15 4.07 0.92 6.13
N LEU A 16 3.88 1.30 7.39
CA LEU A 16 4.64 0.66 8.45
C LEU A 16 3.87 -0.55 8.94
N PHE A 17 3.95 -1.60 8.13
CA PHE A 17 3.12 -2.79 8.28
C PHE A 17 3.37 -3.50 9.60
N GLU A 18 2.33 -3.56 10.43
CA GLU A 18 2.39 -4.26 11.71
C GLU A 18 3.31 -3.65 12.76
N TRP A 19 3.80 -2.44 12.51
CA TRP A 19 4.64 -1.77 13.51
C TRP A 19 3.83 -1.39 14.75
N ARG A 20 4.51 -1.37 15.89
CA ARG A 20 3.93 -0.89 17.14
C ARG A 20 3.88 0.63 17.13
N TRP A 21 2.90 1.21 17.82
CA TRP A 21 2.69 2.65 17.80
C TRP A 21 3.90 3.44 18.31
N VAL A 22 4.50 2.98 19.41
CA VAL A 22 5.64 3.69 19.99
C VAL A 22 6.86 3.70 19.06
N ASP A 23 7.01 2.63 18.28
CA ASP A 23 8.09 2.51 17.32
C ASP A 23 7.85 3.46 16.16
N ILE A 24 6.59 3.61 15.78
CA ILE A 24 6.22 4.55 14.74
C ILE A 24 6.50 5.98 15.20
N ALA A 25 6.14 6.29 16.44
CA ALA A 25 6.40 7.62 17.00
C ALA A 25 7.90 7.93 16.95
N LEU A 26 8.69 6.97 17.39
CA LEU A 26 10.13 7.13 17.43
C LEU A 26 10.67 7.30 16.03
N GLU A 27 10.16 6.51 15.08
CA GLU A 27 10.63 6.57 13.70
C GLU A 27 10.29 7.90 13.06
N CYS A 28 9.11 8.43 13.38
CA CYS A 28 8.69 9.75 12.96
C CYS A 28 9.69 10.79 13.43
N GLU A 29 10.06 10.71 14.70
CA GLU A 29 10.93 11.73 15.28
C GLU A 29 12.37 11.64 14.77
N ARG A 30 12.89 10.41 14.70
CA ARG A 30 14.30 10.17 14.40
C ARG A 30 14.61 10.04 12.90
N TYR A 31 13.58 9.82 12.09
CA TYR A 31 13.83 9.46 10.68
C TYR A 31 12.84 10.06 9.69
N LEU A 32 11.56 9.74 9.84
CA LEU A 32 10.57 10.04 8.81
C LEU A 32 10.39 11.54 8.66
N GLY A 33 10.45 12.25 9.79
CA GLY A 33 10.36 13.70 9.77
C GLY A 33 11.52 14.34 9.03
N PRO A 34 12.76 14.10 9.49
CA PRO A 34 13.96 14.63 8.85
C PRO A 34 14.14 14.22 7.38
N LYS A 35 13.70 13.01 7.02
CA LYS A 35 13.90 12.53 5.66
C LYS A 35 12.75 12.84 4.71
N GLY A 36 11.80 13.65 5.15
CA GLY A 36 10.83 14.23 4.24
C GLY A 36 9.63 13.37 3.87
N PHE A 37 9.38 12.33 4.63
CA PHE A 37 8.22 11.47 4.35
C PHE A 37 6.95 12.22 4.74
N GLY A 38 5.93 12.09 3.90
CA GLY A 38 4.67 12.78 4.12
C GLY A 38 3.79 12.17 5.19
N GLY A 39 3.90 10.87 5.36
CA GLY A 39 3.02 10.18 6.30
C GLY A 39 3.22 8.70 6.40
N VAL A 40 2.47 8.09 7.32
CA VAL A 40 2.57 6.67 7.59
C VAL A 40 1.19 6.04 7.50
N GLN A 41 1.06 5.00 6.69
CA GLN A 41 -0.12 4.15 6.76
C GLN A 41 0.10 3.11 7.85
N VAL A 42 -0.81 3.12 8.81
CA VAL A 42 -0.75 2.17 9.91
C VAL A 42 -1.77 1.05 9.73
N SER A 43 -1.45 -0.10 10.31
CA SER A 43 -2.35 -1.23 10.38
C SER A 43 -3.59 -0.86 11.18
N PRO A 44 -4.69 -1.62 11.01
CA PRO A 44 -5.92 -1.30 11.74
C PRO A 44 -5.67 -1.15 13.24
N PRO A 45 -6.05 0.01 13.80
CA PRO A 45 -5.81 0.31 15.21
C PRO A 45 -6.97 -0.10 16.08
N ASN A 46 -8.01 -0.66 15.47
CA ASN A 46 -9.17 -1.13 16.20
C ASN A 46 -9.02 -2.59 16.63
N GLU A 47 -9.68 -2.94 17.73
CA GLU A 47 -9.61 -4.29 18.28
C GLU A 47 -10.07 -5.34 17.26
N ASN A 48 -9.33 -6.43 17.17
CA ASN A 48 -9.64 -7.51 16.25
C ASN A 48 -9.76 -8.85 16.96
N VAL A 49 -10.32 -9.84 16.29
CA VAL A 49 -10.42 -11.18 16.86
C VAL A 49 -9.03 -11.80 16.90
N VAL A 50 -8.73 -12.53 17.98
CA VAL A 50 -7.46 -13.23 18.05
C VAL A 50 -7.57 -14.51 17.25
N VAL A 51 -6.64 -14.73 16.32
CA VAL A 51 -6.60 -15.98 15.59
C VAL A 51 -5.42 -16.78 16.08
N THR A 52 -5.71 -17.96 16.60
CA THR A 52 -4.69 -18.81 17.16
C THR A 52 -4.32 -19.98 16.24
N ASN A 53 -5.17 -20.22 15.24
CA ASN A 53 -4.88 -21.26 14.25
C ASN A 53 -5.06 -20.66 12.86
N PRO A 54 -3.94 -20.30 12.21
CA PRO A 54 -2.56 -20.41 12.73
C PRO A 54 -2.22 -19.35 13.76
N SER A 55 -1.03 -19.46 14.36
CA SER A 55 -0.63 -18.62 15.49
C SER A 55 -0.45 -17.14 15.15
N ARG A 56 -1.47 -16.35 15.44
CA ARG A 56 -1.42 -14.89 15.26
C ARG A 56 -0.97 -14.44 13.87
N PRO A 57 -1.75 -14.77 12.84
CA PRO A 57 -1.38 -14.33 11.50
C PRO A 57 -1.61 -12.82 11.38
N TRP A 58 -0.95 -12.18 10.42
CA TRP A 58 -1.18 -10.76 10.16
C TRP A 58 -2.63 -10.42 9.84
N TRP A 59 -3.32 -11.31 9.14
CA TRP A 59 -4.65 -11.00 8.62
C TRP A 59 -5.77 -11.05 9.66
N GLU A 60 -5.44 -11.41 10.90
CA GLU A 60 -6.43 -11.32 11.98
C GLU A 60 -6.90 -9.90 12.24
N ARG A 61 -6.05 -8.92 11.91
CA ARG A 61 -6.37 -7.51 12.15
C ARG A 61 -7.40 -6.94 11.18
N TYR A 62 -7.78 -7.72 10.17
CA TYR A 62 -8.83 -7.29 9.27
C TYR A 62 -10.18 -7.94 9.62
N GLN A 63 -10.25 -8.45 10.85
CA GLN A 63 -11.49 -9.01 11.38
C GLN A 63 -11.85 -8.32 12.69
N PRO A 64 -12.42 -7.10 12.60
CA PRO A 64 -12.74 -6.28 13.78
C PRO A 64 -13.76 -6.93 14.72
N VAL A 65 -13.61 -6.64 16.01
CA VAL A 65 -14.62 -7.03 16.99
C VAL A 65 -15.15 -5.84 17.78
N SER A 66 -14.43 -4.72 17.72
CA SER A 66 -14.90 -3.46 18.29
C SER A 66 -14.10 -2.31 17.69
N TYR A 67 -14.43 -1.09 18.09
CA TYR A 67 -13.67 0.08 17.66
C TYR A 67 -12.75 0.65 18.73
N LYS A 68 -12.51 -0.13 19.79
CA LYS A 68 -11.52 0.23 20.80
C LYS A 68 -10.14 0.27 20.17
N LEU A 69 -9.33 1.24 20.57
CA LEU A 69 -8.01 1.39 19.98
C LEU A 69 -7.04 0.55 20.80
N CYS A 70 -7.17 -0.76 20.65
CA CYS A 70 -6.50 -1.72 21.52
C CYS A 70 -6.05 -2.94 20.72
N THR A 71 -4.82 -2.88 20.20
CA THR A 71 -4.30 -3.91 19.31
C THR A 71 -2.90 -4.35 19.73
N ARG A 72 -2.31 -5.29 18.98
CA ARG A 72 -0.94 -5.70 19.22
C ARG A 72 0.07 -4.59 18.96
N SER A 73 -0.36 -3.53 18.26
CA SER A 73 0.49 -2.38 18.04
C SER A 73 0.48 -1.46 19.26
N GLY A 74 -0.53 -1.61 20.12
CA GLY A 74 -0.62 -0.81 21.32
C GLY A 74 -2.02 -0.36 21.70
N ASN A 75 -2.11 0.37 22.82
CA ASN A 75 -3.39 0.84 23.34
C ASN A 75 -3.65 2.28 22.92
N GLU A 76 -4.73 2.88 23.42
CA GLU A 76 -5.15 4.20 22.96
C GLU A 76 -4.16 5.30 23.33
N ASN A 77 -3.56 5.20 24.51
CA ASN A 77 -2.57 6.18 24.95
C ASN A 77 -1.37 6.20 24.02
N GLU A 78 -0.90 5.01 23.65
CA GLU A 78 0.25 4.88 22.77
C GLU A 78 -0.09 5.36 21.36
N PHE A 79 -1.32 5.11 20.91
CA PHE A 79 -1.75 5.56 19.59
C PHE A 79 -1.79 7.07 19.54
N ARG A 80 -2.40 7.67 20.57
CA ARG A 80 -2.49 9.13 20.67
C ARG A 80 -1.10 9.75 20.72
N ASP A 81 -0.22 9.14 21.51
CA ASP A 81 1.15 9.58 21.64
C ASP A 81 1.84 9.56 20.28
N MET A 82 1.60 8.48 19.55
CA MET A 82 2.15 8.33 18.21
C MET A 82 1.68 9.44 17.27
N VAL A 83 0.37 9.68 17.23
CA VAL A 83 -0.20 10.65 16.32
C VAL A 83 0.29 12.07 16.64
N THR A 84 0.33 12.39 17.93
CA THR A 84 0.83 13.67 18.40
C THR A 84 2.29 13.89 18.01
N ARG A 85 3.13 12.91 18.31
CA ARG A 85 4.57 13.03 18.09
C ARG A 85 4.90 13.08 16.61
N CYS A 86 4.17 12.30 15.81
CA CYS A 86 4.37 12.28 14.37
C CYS A 86 3.90 13.59 13.74
N ASN A 87 2.72 14.04 14.10
CA ASN A 87 2.20 15.29 13.56
C ASN A 87 3.12 16.46 13.94
N ASN A 88 3.72 16.39 15.12
CA ASN A 88 4.59 17.47 15.60
C ASN A 88 5.91 17.58 14.84
N VAL A 89 6.27 16.53 14.10
CA VAL A 89 7.44 16.60 13.22
C VAL A 89 7.08 16.54 11.73
N GLY A 90 5.83 16.85 11.41
CA GLY A 90 5.42 17.01 10.02
C GLY A 90 5.14 15.71 9.29
N VAL A 91 4.90 14.64 10.05
CA VAL A 91 4.58 13.35 9.46
C VAL A 91 3.15 12.97 9.83
N ARG A 92 2.31 12.76 8.81
CA ARG A 92 0.90 12.50 9.05
C ARG A 92 0.63 11.04 9.33
N ILE A 93 -0.53 10.78 9.92
CA ILE A 93 -0.94 9.41 10.21
C ILE A 93 -2.21 9.07 9.43
N TYR A 94 -2.14 7.96 8.69
CA TYR A 94 -3.26 7.48 7.91
C TYR A 94 -3.63 6.11 8.43
N VAL A 95 -4.90 5.94 8.77
CA VAL A 95 -5.37 4.71 9.40
C VAL A 95 -5.92 3.73 8.38
N ASP A 96 -5.56 2.46 8.53
CA ASP A 96 -6.21 1.41 7.76
C ASP A 96 -7.60 1.18 8.36
N ALA A 97 -8.62 1.71 7.68
CA ALA A 97 -9.99 1.65 8.16
C ALA A 97 -10.74 0.43 7.65
N VAL A 98 -11.04 -0.50 8.56
CA VAL A 98 -11.73 -1.72 8.19
C VAL A 98 -13.19 -1.59 8.60
N ILE A 99 -14.03 -1.22 7.64
CA ILE A 99 -15.39 -0.77 7.93
C ILE A 99 -16.49 -1.54 7.19
N ASN A 100 -16.10 -2.40 6.25
CA ASN A 100 -17.07 -3.17 5.50
C ASN A 100 -17.66 -4.30 6.33
N HIS A 101 -16.91 -4.75 7.32
CA HIS A 101 -17.26 -5.98 8.01
C HIS A 101 -16.74 -6.06 9.44
N MET A 102 -17.22 -7.06 10.18
CA MET A 102 -16.62 -7.45 11.45
C MET A 102 -15.94 -8.80 11.24
N CYS A 103 -15.68 -9.51 12.33
CA CYS A 103 -14.96 -10.78 12.24
C CYS A 103 -15.76 -11.86 11.50
N GLY A 104 -15.15 -13.04 11.38
CA GLY A 104 -15.78 -14.16 10.69
C GLY A 104 -17.10 -14.59 11.30
N SER A 105 -18.08 -14.85 10.43
CA SER A 105 -19.41 -15.26 10.89
C SER A 105 -19.37 -16.62 11.58
N GLY A 106 -18.31 -17.40 11.32
CA GLY A 106 -18.19 -18.73 11.87
C GLY A 106 -17.33 -18.79 13.11
N ALA A 107 -16.92 -17.64 13.62
CA ALA A 107 -16.01 -17.60 14.75
C ALA A 107 -16.78 -17.98 16.01
N ALA A 108 -16.07 -18.53 16.99
CA ALA A 108 -16.68 -18.88 18.25
C ALA A 108 -16.98 -17.63 19.05
N ALA A 109 -17.94 -17.71 19.97
CA ALA A 109 -18.26 -16.59 20.83
C ALA A 109 -17.31 -16.62 22.02
N GLY A 110 -16.95 -15.45 22.52
CA GLY A 110 -16.07 -15.36 23.67
C GLY A 110 -15.19 -14.12 23.65
N THR A 111 -14.11 -14.15 24.42
CA THR A 111 -13.24 -13.01 24.60
C THR A 111 -11.84 -13.21 24.02
N GLY A 112 -11.72 -14.07 23.01
CA GLY A 112 -10.47 -14.18 22.27
C GLY A 112 -10.28 -13.01 21.32
N THR A 113 -10.02 -11.84 21.91
CA THR A 113 -9.96 -10.59 21.18
C THR A 113 -8.80 -9.79 21.77
N THR A 114 -8.34 -8.77 21.04
CA THR A 114 -7.11 -8.08 21.43
C THR A 114 -7.27 -7.09 22.58
N CYS A 115 -8.51 -6.76 22.94
CA CYS A 115 -8.74 -5.97 24.15
C CYS A 115 -9.57 -6.71 25.18
N GLY A 116 -9.99 -7.93 24.85
CA GLY A 116 -10.79 -8.73 25.77
C GLY A 116 -12.27 -8.45 25.74
N SER A 117 -12.73 -7.68 24.76
CA SER A 117 -14.16 -7.46 24.59
C SER A 117 -14.82 -8.78 24.22
N TYR A 118 -16.08 -8.93 24.63
CA TYR A 118 -16.88 -10.08 24.25
C TYR A 118 -17.52 -9.84 22.89
N CYS A 119 -17.65 -10.90 22.11
CA CYS A 119 -18.50 -10.88 20.93
C CYS A 119 -19.11 -12.24 20.66
N ASN A 120 -20.20 -12.24 19.90
CA ASN A 120 -20.88 -13.46 19.50
C ASN A 120 -21.19 -13.36 18.02
N PRO A 121 -20.22 -13.71 17.17
CA PRO A 121 -20.30 -13.60 15.72
C PRO A 121 -21.49 -14.32 15.11
N GLY A 122 -21.82 -15.50 15.64
CA GLY A 122 -22.91 -16.30 15.13
C GLY A 122 -24.25 -15.59 15.32
N SER A 123 -24.39 -14.87 16.43
CA SER A 123 -25.62 -14.12 16.71
C SER A 123 -25.47 -12.63 16.34
N ARG A 124 -24.42 -12.33 15.58
CA ARG A 124 -24.12 -10.98 15.13
C ARG A 124 -24.09 -10.00 16.31
N GLU A 125 -23.53 -10.44 17.43
CA GLU A 125 -23.50 -9.63 18.63
C GLU A 125 -22.11 -9.10 18.91
N PHE A 126 -21.96 -7.78 18.88
CA PHE A 126 -20.70 -7.13 19.23
C PHE A 126 -20.96 -6.00 20.24
N PRO A 127 -21.17 -6.37 21.51
CA PRO A 127 -21.67 -5.44 22.53
C PRO A 127 -20.72 -4.29 22.85
N ALA A 128 -19.46 -4.42 22.46
CA ALA A 128 -18.48 -3.37 22.71
C ALA A 128 -18.61 -2.19 21.75
N VAL A 129 -19.40 -2.35 20.70
CA VAL A 129 -19.59 -1.25 19.75
C VAL A 129 -20.74 -0.29 20.13
N PRO A 130 -21.99 -0.79 20.30
CA PRO A 130 -22.55 -2.14 20.12
C PRO A 130 -23.15 -2.31 18.72
N TYR A 131 -23.08 -3.53 18.21
CA TYR A 131 -23.84 -3.92 17.02
C TYR A 131 -24.72 -5.11 17.37
N SER A 132 -25.84 -5.23 16.67
CA SER A 132 -26.73 -6.38 16.82
C SER A 132 -27.09 -6.94 15.45
N ALA A 133 -27.93 -7.97 15.42
CA ALA A 133 -28.28 -8.66 14.19
C ALA A 133 -28.82 -7.77 13.07
N TRP A 134 -29.64 -6.78 13.41
CA TRP A 134 -30.21 -5.92 12.37
C TRP A 134 -29.26 -4.82 11.91
N ASP A 135 -27.97 -4.95 12.24
CA ASP A 135 -26.96 -4.00 11.78
C ASP A 135 -26.09 -4.65 10.70
N PHE A 136 -26.48 -5.84 10.25
CA PHE A 136 -25.75 -6.55 9.21
C PHE A 136 -26.61 -6.81 7.97
N ASN A 137 -25.97 -7.17 6.87
CA ASN A 137 -26.64 -7.31 5.58
C ASN A 137 -27.19 -8.70 5.28
N ASP A 138 -27.45 -9.49 6.32
CA ASP A 138 -27.93 -10.85 6.13
C ASP A 138 -29.28 -10.93 5.43
N GLY A 139 -30.15 -9.96 5.69
CA GLY A 139 -31.45 -9.91 5.06
C GLY A 139 -31.41 -9.27 3.68
N LYS A 140 -30.28 -8.67 3.35
CA LYS A 140 -30.12 -7.97 2.08
C LYS A 140 -29.45 -8.88 1.05
N CYS A 141 -28.51 -9.69 1.51
CA CYS A 141 -27.79 -10.65 0.67
C CYS A 141 -28.72 -11.68 0.04
N LYS A 142 -28.55 -11.92 -1.26
CA LYS A 142 -29.46 -12.79 -2.01
C LYS A 142 -28.88 -14.16 -2.38
N THR A 143 -27.70 -14.48 -1.86
CA THR A 143 -27.10 -15.79 -2.13
C THR A 143 -27.51 -16.86 -1.13
N ALA A 144 -27.50 -18.10 -1.59
CA ALA A 144 -27.86 -19.26 -0.75
C ALA A 144 -26.89 -19.46 0.41
N SER A 145 -25.62 -19.14 0.19
CA SER A 145 -24.60 -19.38 1.21
C SER A 145 -24.50 -18.19 2.15
N GLY A 146 -25.06 -17.06 1.76
CA GLY A 146 -24.87 -15.80 2.46
C GLY A 146 -23.54 -15.12 2.18
N GLY A 147 -22.70 -15.76 1.38
CA GLY A 147 -21.42 -15.21 0.98
C GLY A 147 -21.39 -14.71 -0.45
N ILE A 148 -20.28 -14.07 -0.82
CA ILE A 148 -20.08 -13.63 -2.19
C ILE A 148 -19.77 -14.86 -3.05
N GLU A 149 -20.64 -15.15 -4.00
CA GLU A 149 -20.43 -16.29 -4.90
C GLU A 149 -19.94 -15.90 -6.29
N SER A 150 -20.27 -14.69 -6.73
CA SER A 150 -19.93 -14.24 -8.08
C SER A 150 -19.59 -12.76 -8.15
N TYR A 151 -18.40 -12.45 -8.67
CA TYR A 151 -17.99 -11.07 -8.87
C TYR A 151 -18.68 -10.39 -10.06
N ASN A 152 -19.51 -11.13 -10.79
CA ASN A 152 -20.25 -10.54 -11.90
C ASN A 152 -21.48 -9.78 -11.41
N ASP A 153 -21.83 -10.00 -10.15
CA ASP A 153 -23.01 -9.38 -9.55
C ASP A 153 -22.60 -8.38 -8.48
N PRO A 154 -22.59 -7.08 -8.81
CA PRO A 154 -22.11 -6.06 -7.87
C PRO A 154 -22.93 -6.03 -6.57
N TYR A 155 -24.19 -6.43 -6.67
CA TYR A 155 -25.07 -6.50 -5.52
C TYR A 155 -24.54 -7.54 -4.54
N GLN A 156 -24.10 -8.69 -5.07
CA GLN A 156 -23.58 -9.76 -4.22
C GLN A 156 -22.25 -9.33 -3.61
N VAL A 157 -21.45 -8.64 -4.41
CA VAL A 157 -20.13 -8.19 -3.98
C VAL A 157 -20.25 -7.22 -2.81
N ARG A 158 -21.30 -6.39 -2.83
CA ARG A 158 -21.45 -5.38 -1.79
C ARG A 158 -22.33 -5.78 -0.59
N ASP A 159 -23.29 -6.67 -0.81
CA ASP A 159 -24.28 -6.96 0.22
C ASP A 159 -24.10 -8.31 0.92
N CYS A 160 -23.23 -9.15 0.38
CA CYS A 160 -23.02 -10.46 0.96
C CYS A 160 -21.71 -10.50 1.74
N GLN A 161 -21.48 -11.61 2.44
CA GLN A 161 -20.31 -11.73 3.29
C GLN A 161 -19.09 -12.02 2.42
N LEU A 162 -18.06 -11.22 2.59
CA LEU A 162 -16.77 -11.48 1.96
C LEU A 162 -16.03 -12.55 2.76
N VAL A 163 -15.76 -13.68 2.11
CA VAL A 163 -15.15 -14.86 2.73
C VAL A 163 -15.60 -15.12 4.18
N GLY A 164 -16.91 -15.07 4.38
CA GLY A 164 -17.53 -15.38 5.66
C GLY A 164 -17.47 -14.31 6.73
N LEU A 165 -16.95 -13.13 6.38
CA LEU A 165 -16.86 -12.04 7.34
C LEU A 165 -18.22 -11.34 7.39
N LEU A 166 -18.69 -11.04 8.61
CA LEU A 166 -19.99 -10.42 8.80
C LEU A 166 -20.12 -9.05 8.14
N ASP A 167 -21.06 -8.92 7.21
CA ASP A 167 -21.12 -7.73 6.36
C ASP A 167 -22.06 -6.67 6.96
N LEU A 168 -21.50 -5.53 7.33
CA LEU A 168 -22.26 -4.47 7.98
C LEU A 168 -23.26 -3.80 7.04
N ALA A 169 -24.41 -3.39 7.59
CA ALA A 169 -25.45 -2.74 6.81
C ALA A 169 -25.17 -1.25 6.63
N LEU A 170 -24.24 -0.92 5.73
CA LEU A 170 -23.80 0.47 5.54
C LEU A 170 -24.87 1.41 4.98
N GLU A 171 -26.01 0.87 4.59
CA GLU A 171 -27.13 1.72 4.17
C GLU A 171 -27.81 2.34 5.39
N LYS A 172 -27.65 1.72 6.54
CA LYS A 172 -28.39 2.11 7.73
C LYS A 172 -27.70 3.27 8.43
N ASP A 173 -28.50 4.20 8.95
CA ASP A 173 -27.97 5.38 9.62
C ASP A 173 -27.15 5.02 10.84
N TYR A 174 -27.58 3.98 11.55
CA TYR A 174 -26.91 3.57 12.79
C TYR A 174 -25.48 3.11 12.52
N VAL A 175 -25.31 2.26 11.51
CA VAL A 175 -24.01 1.68 11.20
C VAL A 175 -23.06 2.77 10.72
N ARG A 176 -23.57 3.61 9.82
CA ARG A 176 -22.84 4.77 9.33
C ARG A 176 -22.41 5.64 10.50
N SER A 177 -23.27 5.76 11.50
CA SER A 177 -22.98 6.60 12.65
C SER A 177 -21.91 5.99 13.56
N MET A 178 -21.94 4.68 13.77
CA MET A 178 -20.91 4.02 14.57
C MET A 178 -19.54 4.14 13.91
N ILE A 179 -19.53 3.88 12.60
CA ILE A 179 -18.30 3.99 11.81
C ILE A 179 -17.78 5.43 11.82
N ALA A 180 -18.68 6.37 11.57
CA ALA A 180 -18.33 7.79 11.57
C ALA A 180 -17.81 8.21 12.94
N ASP A 181 -18.39 7.68 14.01
CA ASP A 181 -17.95 8.01 15.37
C ASP A 181 -16.52 7.54 15.58
N TYR A 182 -16.23 6.35 15.10
CA TYR A 182 -14.88 5.77 15.19
C TYR A 182 -13.87 6.64 14.42
N LEU A 183 -14.20 6.93 13.17
CA LEU A 183 -13.32 7.69 12.30
C LEU A 183 -13.11 9.10 12.84
N ASN A 184 -14.19 9.68 13.38
CA ASN A 184 -14.13 11.01 13.95
C ASN A 184 -13.30 11.07 15.23
N LYS A 185 -13.37 10.01 16.03
CA LYS A 185 -12.49 9.90 17.18
C LYS A 185 -11.04 9.94 16.70
N LEU A 186 -10.77 9.20 15.64
CA LEU A 186 -9.41 9.17 15.09
C LEU A 186 -8.99 10.54 14.56
N ILE A 187 -9.88 11.21 13.83
CA ILE A 187 -9.62 12.55 13.32
C ILE A 187 -9.32 13.55 14.44
N ASP A 188 -10.13 13.51 15.49
CA ASP A 188 -9.97 14.43 16.60
C ASP A 188 -8.66 14.14 17.32
N ILE A 189 -8.27 12.87 17.33
CA ILE A 189 -6.97 12.49 17.88
C ILE A 189 -5.83 13.12 17.05
N GLY A 190 -6.05 13.26 15.75
CA GLY A 190 -5.08 13.94 14.91
C GLY A 190 -4.75 13.22 13.61
N VAL A 191 -5.49 12.16 13.30
CA VAL A 191 -5.28 11.42 12.06
C VAL A 191 -5.58 12.29 10.84
N ALA A 192 -4.81 12.10 9.76
CA ALA A 192 -4.92 12.94 8.58
C ALA A 192 -5.82 12.31 7.52
N GLY A 193 -6.08 11.00 7.64
CA GLY A 193 -6.85 10.31 6.64
C GLY A 193 -6.88 8.79 6.74
N PHE A 194 -7.47 8.17 5.73
CA PHE A 194 -7.82 6.76 5.84
C PHE A 194 -7.61 6.01 4.52
N ARG A 195 -7.09 4.79 4.66
CA ARG A 195 -7.20 3.76 3.64
C ARG A 195 -8.51 3.02 3.86
N ILE A 196 -9.41 3.06 2.90
CA ILE A 196 -10.68 2.36 3.07
C ILE A 196 -10.55 0.93 2.56
N ASP A 197 -10.37 0.01 3.51
CA ASP A 197 -10.27 -1.41 3.24
C ASP A 197 -11.51 -1.93 2.56
N ALA A 198 -11.33 -2.85 1.60
CA ALA A 198 -12.44 -3.59 1.00
C ALA A 198 -13.50 -2.68 0.39
N SER A 199 -13.06 -1.60 -0.26
CA SER A 199 -13.98 -0.63 -0.85
C SER A 199 -14.85 -1.21 -1.97
N LYS A 200 -14.33 -2.19 -2.70
CA LYS A 200 -15.11 -2.84 -3.74
C LYS A 200 -16.37 -3.47 -3.15
N HIS A 201 -16.27 -3.86 -1.89
CA HIS A 201 -17.35 -4.59 -1.21
C HIS A 201 -18.33 -3.66 -0.50
N MET A 202 -18.19 -2.36 -0.72
CA MET A 202 -19.14 -1.38 -0.22
C MET A 202 -19.66 -0.55 -1.38
N TRP A 203 -20.90 -0.08 -1.27
CA TRP A 203 -21.44 0.84 -2.27
C TRP A 203 -20.76 2.19 -2.15
N PRO A 204 -20.34 2.76 -3.29
CA PRO A 204 -19.72 4.09 -3.36
C PRO A 204 -20.49 5.17 -2.60
N GLY A 205 -21.82 5.14 -2.70
CA GLY A 205 -22.66 6.14 -2.05
C GLY A 205 -22.76 5.97 -0.55
N ASP A 206 -22.56 4.74 -0.07
CA ASP A 206 -22.51 4.51 1.36
C ASP A 206 -21.20 5.07 1.92
N ILE A 207 -20.11 4.81 1.20
CA ILE A 207 -18.82 5.39 1.56
C ILE A 207 -18.90 6.91 1.59
N LYS A 208 -19.49 7.51 0.56
CA LYS A 208 -19.65 8.96 0.51
C LYS A 208 -20.47 9.43 1.71
N ALA A 209 -21.52 8.69 2.03
CA ALA A 209 -22.42 9.06 3.11
C ALA A 209 -21.68 9.03 4.44
N VAL A 210 -20.73 8.11 4.57
CA VAL A 210 -19.88 8.05 5.76
C VAL A 210 -18.92 9.23 5.78
N LEU A 211 -18.28 9.51 4.64
CA LEU A 211 -17.30 10.59 4.55
C LEU A 211 -17.89 11.97 4.83
N ASP A 212 -19.16 12.15 4.47
CA ASP A 212 -19.84 13.42 4.71
C ASP A 212 -20.12 13.68 6.18
N LYS A 213 -20.02 12.62 7.00
CA LYS A 213 -20.30 12.75 8.42
C LYS A 213 -19.02 13.08 9.18
N LEU A 214 -17.91 13.11 8.46
CA LEU A 214 -16.60 13.23 9.11
C LEU A 214 -16.27 14.68 9.44
N HIS A 215 -15.71 14.88 10.63
CA HIS A 215 -15.23 16.18 11.08
C HIS A 215 -14.08 16.68 10.19
N ASN A 216 -13.86 17.98 10.21
CA ASN A 216 -12.62 18.52 9.66
C ASN A 216 -11.45 18.14 10.54
N LEU A 217 -10.26 18.13 9.97
CA LEU A 217 -9.06 17.71 10.66
C LEU A 217 -8.70 18.65 11.81
N ASN A 218 -7.91 18.14 12.75
CA ASN A 218 -7.63 18.83 14.00
C ASN A 218 -6.77 20.06 13.73
N THR A 219 -7.27 21.22 14.17
CA THR A 219 -6.64 22.50 13.85
C THR A 219 -5.35 22.80 14.59
N ASN A 220 -4.93 21.89 15.47
CA ASN A 220 -3.60 22.00 16.06
C ASN A 220 -2.51 21.81 15.01
N TRP A 221 -2.83 21.06 13.95
CA TRP A 221 -1.83 20.74 12.94
C TRP A 221 -2.29 21.05 11.52
N PHE A 222 -3.60 21.19 11.33
CA PHE A 222 -4.14 21.39 9.98
C PHE A 222 -4.91 22.70 9.91
N PRO A 223 -4.94 23.32 8.72
CA PRO A 223 -5.78 24.51 8.49
C PRO A 223 -7.26 24.19 8.72
N ALA A 224 -8.03 25.20 9.09
CA ALA A 224 -9.48 25.03 9.23
C ALA A 224 -10.07 24.57 7.91
N GLY A 225 -11.10 23.73 7.98
CA GLY A 225 -11.80 23.31 6.78
C GLY A 225 -11.10 22.17 6.06
N SER A 226 -10.14 21.54 6.72
CA SER A 226 -9.39 20.46 6.07
C SER A 226 -10.16 19.15 6.13
N ARG A 227 -10.30 18.51 4.97
CA ARG A 227 -10.98 17.23 4.87
C ARG A 227 -9.95 16.11 4.95
N PRO A 228 -10.32 14.99 5.59
CA PRO A 228 -9.40 13.84 5.67
C PRO A 228 -9.01 13.34 4.29
N PHE A 229 -7.75 12.99 4.08
CA PHE A 229 -7.33 12.34 2.84
C PHE A 229 -7.93 10.94 2.78
N ILE A 230 -8.53 10.58 1.66
CA ILE A 230 -9.12 9.25 1.52
C ILE A 230 -8.57 8.49 0.32
N PHE A 231 -8.07 7.28 0.57
CA PHE A 231 -7.73 6.40 -0.55
C PHE A 231 -8.34 5.01 -0.37
N GLN A 232 -9.14 4.62 -1.36
CA GLN A 232 -9.95 3.41 -1.29
C GLN A 232 -9.24 2.23 -1.95
N GLU A 233 -9.21 1.10 -1.26
CA GLU A 233 -8.64 -0.11 -1.83
C GLU A 233 -9.63 -0.82 -2.77
N VAL A 234 -9.38 -0.68 -4.07
CA VAL A 234 -10.18 -1.38 -5.07
C VAL A 234 -9.25 -2.05 -6.06
N ILE A 235 -9.33 -3.38 -6.13
CA ILE A 235 -8.55 -4.12 -7.10
C ILE A 235 -9.33 -4.28 -8.39
N ASP A 236 -8.86 -3.62 -9.44
CA ASP A 236 -9.52 -3.72 -10.73
C ASP A 236 -8.46 -3.73 -11.84
N LEU A 237 -8.11 -4.93 -12.29
CA LEU A 237 -7.13 -5.09 -13.35
C LEU A 237 -7.84 -5.07 -14.71
N GLY A 238 -9.17 -4.93 -14.65
CA GLY A 238 -9.97 -4.83 -15.86
C GLY A 238 -10.76 -6.09 -16.16
N GLY A 239 -11.91 -5.92 -16.81
CA GLY A 239 -12.70 -7.05 -17.27
C GLY A 239 -13.74 -7.55 -16.29
N GLU A 240 -13.86 -6.90 -15.13
CA GLU A 240 -14.88 -7.27 -14.15
C GLU A 240 -16.04 -6.29 -14.17
N ALA A 241 -17.14 -6.66 -13.52
CA ALA A 241 -18.35 -5.85 -13.50
C ALA A 241 -18.13 -4.52 -12.77
N ILE A 242 -17.30 -4.55 -11.74
CA ILE A 242 -17.02 -3.36 -10.95
C ILE A 242 -15.75 -2.64 -11.42
N SER A 243 -15.89 -1.36 -11.75
CA SER A 243 -14.78 -0.57 -12.23
C SER A 243 -14.27 0.39 -11.15
N SER A 244 -12.99 0.72 -11.22
CA SER A 244 -12.36 1.63 -10.27
C SER A 244 -13.05 3.00 -10.27
N SER A 245 -13.55 3.39 -11.44
CA SER A 245 -14.11 4.73 -11.64
C SER A 245 -15.36 5.02 -10.81
N GLU A 246 -16.02 3.97 -10.34
CA GLU A 246 -17.21 4.13 -9.51
C GLU A 246 -16.89 4.84 -8.20
N TYR A 247 -15.61 4.82 -7.82
CA TYR A 247 -15.17 5.32 -6.52
C TYR A 247 -14.47 6.68 -6.58
N PHE A 248 -14.36 7.25 -7.77
CA PHE A 248 -13.56 8.47 -7.96
C PHE A 248 -14.14 9.67 -7.19
N GLY A 249 -15.44 9.62 -6.92
CA GLY A 249 -16.11 10.70 -6.22
C GLY A 249 -15.82 10.78 -4.73
N ASN A 250 -15.24 9.72 -4.17
CA ASN A 250 -14.99 9.67 -2.73
C ASN A 250 -13.57 10.05 -2.35
N GLY A 251 -12.64 9.92 -3.30
CA GLY A 251 -11.23 10.15 -3.02
C GLY A 251 -10.37 9.44 -4.04
N ARG A 252 -9.09 9.27 -3.71
CA ARG A 252 -8.21 8.55 -4.60
C ARG A 252 -8.52 7.06 -4.53
N VAL A 253 -7.96 6.31 -5.46
CA VAL A 253 -8.18 4.86 -5.52
C VAL A 253 -6.85 4.18 -5.75
N THR A 254 -6.62 3.07 -5.06
CA THR A 254 -5.45 2.24 -5.34
C THR A 254 -5.48 1.75 -6.78
N GLU A 255 -4.38 1.98 -7.50
CA GLU A 255 -4.24 1.51 -8.87
C GLU A 255 -3.37 0.27 -8.90
N PHE A 256 -4.00 -0.90 -8.79
CA PHE A 256 -3.27 -2.16 -8.76
C PHE A 256 -2.65 -2.55 -10.11
N LYS A 257 -3.11 -1.94 -11.20
CA LYS A 257 -2.51 -2.19 -12.50
C LYS A 257 -1.05 -1.73 -12.49
N TYR A 258 -0.76 -0.75 -11.65
CA TYR A 258 0.54 -0.09 -11.62
C TYR A 258 1.67 -1.05 -11.30
N GLY A 259 1.62 -1.66 -10.13
CA GLY A 259 2.68 -2.55 -9.68
C GLY A 259 2.75 -3.84 -10.47
N ALA A 260 1.60 -4.32 -10.93
CA ALA A 260 1.55 -5.52 -11.77
C ALA A 260 2.26 -5.30 -13.10
N LYS A 261 1.90 -4.21 -13.77
CA LYS A 261 2.48 -3.90 -15.08
C LYS A 261 3.94 -3.51 -14.96
N LEU A 262 4.25 -2.71 -13.95
CA LEU A 262 5.62 -2.25 -13.73
C LEU A 262 6.52 -3.43 -13.41
N GLY A 263 6.02 -4.31 -12.55
CA GLY A 263 6.70 -5.54 -12.21
C GLY A 263 6.98 -6.39 -13.43
N THR A 264 5.95 -6.58 -14.27
CA THR A 264 6.12 -7.32 -15.51
C THR A 264 7.19 -6.70 -16.40
N VAL A 265 7.18 -5.38 -16.52
CA VAL A 265 8.16 -4.67 -17.35
C VAL A 265 9.59 -4.85 -16.82
N VAL A 266 9.78 -4.60 -15.53
CA VAL A 266 11.12 -4.63 -14.93
C VAL A 266 11.68 -6.06 -14.92
N ARG A 267 10.80 -7.04 -14.76
CA ARG A 267 11.22 -8.44 -14.84
C ARG A 267 11.43 -8.85 -16.30
N LYS A 268 10.98 -8.01 -17.22
CA LYS A 268 11.05 -8.29 -18.66
C LYS A 268 10.32 -9.57 -19.07
N TRP A 269 9.13 -9.77 -18.50
CA TRP A 269 8.25 -10.88 -18.87
C TRP A 269 7.31 -10.47 -19.99
N SER A 270 6.78 -11.47 -20.69
CA SER A 270 5.75 -11.27 -21.70
C SER A 270 6.16 -10.32 -22.82
N GLY A 271 7.45 -10.29 -23.14
CA GLY A 271 7.95 -9.44 -24.19
C GLY A 271 8.05 -7.97 -23.80
N GLU A 272 7.84 -7.66 -22.53
CA GLU A 272 7.78 -6.27 -22.11
C GLU A 272 9.18 -5.69 -22.03
N LYS A 273 9.28 -4.38 -22.26
CA LYS A 273 10.55 -3.68 -22.32
C LYS A 273 10.39 -2.34 -21.61
N MET A 274 11.45 -1.88 -20.95
CA MET A 274 11.36 -0.64 -20.18
C MET A 274 11.10 0.56 -21.08
N SER A 275 11.51 0.47 -22.34
CA SER A 275 11.25 1.52 -23.32
C SER A 275 9.76 1.76 -23.56
N TYR A 276 8.94 0.77 -23.21
CA TYR A 276 7.49 0.89 -23.37
C TYR A 276 6.90 1.85 -22.34
N LEU A 277 7.68 2.20 -21.33
CA LEU A 277 7.21 3.07 -20.25
C LEU A 277 7.13 4.55 -20.63
N LYS A 278 7.42 4.87 -21.88
CA LYS A 278 7.41 6.27 -22.32
C LYS A 278 6.07 6.94 -22.05
N ASN A 279 4.98 6.19 -22.26
CA ASN A 279 3.64 6.69 -22.04
C ASN A 279 3.01 6.09 -20.78
N TRP A 280 3.86 5.70 -19.84
CA TRP A 280 3.42 5.23 -18.53
C TRP A 280 2.39 6.17 -17.91
N GLY A 281 1.38 5.59 -17.26
CA GLY A 281 0.32 6.38 -16.68
C GLY A 281 -1.00 6.11 -17.39
N GLU A 282 -1.73 7.19 -17.68
CA GLU A 282 -3.01 7.07 -18.37
C GLU A 282 -2.86 6.45 -19.77
N GLY A 283 -1.68 6.59 -20.35
CA GLY A 283 -1.38 5.98 -21.63
C GLY A 283 -1.44 4.47 -21.64
N TRP A 284 -1.28 3.87 -20.46
CA TRP A 284 -1.41 2.41 -20.32
C TRP A 284 -2.82 1.99 -19.91
N GLY A 285 -3.76 2.93 -19.94
CA GLY A 285 -5.14 2.64 -19.61
C GLY A 285 -5.40 2.72 -18.12
N PHE A 286 -4.47 3.32 -17.39
CA PHE A 286 -4.63 3.48 -15.95
C PHE A 286 -5.64 4.58 -15.65
N MET A 287 -6.08 4.67 -14.40
CA MET A 287 -7.00 5.70 -13.96
C MET A 287 -6.31 7.05 -14.02
N PRO A 288 -7.06 8.16 -13.92
CA PRO A 288 -6.42 9.49 -13.89
C PRO A 288 -5.40 9.58 -12.76
N SER A 289 -4.28 10.24 -13.03
CA SER A 289 -3.20 10.40 -12.05
C SER A 289 -3.66 10.96 -10.72
N ASP A 290 -4.58 11.92 -10.77
CA ASP A 290 -5.10 12.55 -9.56
C ASP A 290 -6.12 11.67 -8.82
N ARG A 291 -6.34 10.46 -9.33
CA ARG A 291 -7.18 9.48 -8.64
C ARG A 291 -6.39 8.31 -8.12
N ALA A 292 -5.09 8.28 -8.43
CA ALA A 292 -4.33 7.07 -8.19
C ALA A 292 -3.52 7.15 -6.92
N LEU A 293 -3.53 6.07 -6.16
CA LEU A 293 -2.54 5.83 -5.13
C LEU A 293 -1.73 4.70 -5.70
N VAL A 294 -0.43 4.92 -5.87
CA VAL A 294 0.38 3.93 -6.55
C VAL A 294 1.48 3.37 -5.66
N PHE A 295 1.97 2.20 -6.03
CA PHE A 295 2.90 1.44 -5.22
C PHE A 295 3.40 0.27 -6.05
N VAL A 296 4.59 -0.20 -5.73
CA VAL A 296 5.14 -1.37 -6.40
C VAL A 296 4.54 -2.63 -5.81
N ASP A 297 4.56 -2.71 -4.49
CA ASP A 297 3.94 -3.83 -3.78
C ASP A 297 3.17 -3.33 -2.58
N ASN A 298 2.25 -4.16 -2.09
CA ASN A 298 1.57 -3.90 -0.82
C ASN A 298 1.64 -5.15 0.05
N HIS A 299 1.03 -5.09 1.23
CA HIS A 299 1.21 -6.17 2.20
C HIS A 299 0.61 -7.49 1.69
N ASP A 300 -0.41 -7.39 0.85
CA ASP A 300 -1.01 -8.58 0.23
C ASP A 300 -0.15 -9.19 -0.86
N ASN A 301 0.12 -8.42 -1.91
CA ASN A 301 0.69 -8.98 -3.13
C ASN A 301 2.20 -9.20 -3.09
N GLN A 302 2.84 -8.68 -2.04
CA GLN A 302 4.25 -8.96 -1.81
C GLN A 302 4.45 -10.42 -1.42
N ARG A 303 3.37 -11.11 -1.07
CA ARG A 303 3.48 -12.50 -0.68
C ARG A 303 3.14 -13.43 -1.83
N GLY A 304 3.17 -12.90 -3.06
CA GLY A 304 3.14 -13.73 -4.25
C GLY A 304 1.80 -14.27 -4.71
N HIS A 305 0.71 -13.91 -4.05
CA HIS A 305 -0.61 -14.33 -4.50
C HIS A 305 -1.70 -13.28 -4.39
N GLY A 306 -1.33 -12.01 -4.35
CA GLY A 306 -2.33 -10.96 -4.34
C GLY A 306 -2.66 -10.53 -5.76
N ALA A 307 -2.73 -9.22 -5.97
CA ALA A 307 -3.11 -8.70 -7.27
C ALA A 307 -1.83 -8.44 -8.05
N GLY A 308 -1.66 -9.15 -9.16
CA GLY A 308 -0.42 -9.08 -9.89
C GLY A 308 0.32 -10.40 -9.98
N GLY A 309 0.09 -11.28 -9.00
CA GLY A 309 0.70 -12.59 -9.06
C GLY A 309 2.20 -12.47 -8.88
N SER A 310 2.93 -13.40 -9.48
CA SER A 310 4.37 -13.48 -9.29
C SER A 310 5.12 -12.29 -9.90
N SER A 311 4.43 -11.49 -10.71
CA SER A 311 5.07 -10.34 -11.35
C SER A 311 5.45 -9.24 -10.36
N ILE A 312 4.77 -9.21 -9.20
CA ILE A 312 5.03 -8.19 -8.20
C ILE A 312 6.48 -8.24 -7.71
N LEU A 313 7.16 -7.10 -7.67
CA LEU A 313 8.50 -7.03 -7.12
C LEU A 313 8.47 -6.68 -5.63
N THR A 314 9.36 -7.31 -4.86
CA THR A 314 9.38 -7.12 -3.41
C THR A 314 10.82 -7.03 -2.93
N PHE A 315 10.99 -6.81 -1.62
CA PHE A 315 12.31 -6.74 -1.01
C PHE A 315 13.16 -7.98 -1.24
N TRP A 316 12.50 -9.12 -1.49
CA TRP A 316 13.23 -10.36 -1.75
C TRP A 316 14.02 -10.26 -3.05
N ASP A 317 13.55 -9.41 -3.95
CA ASP A 317 14.24 -9.13 -5.21
C ASP A 317 14.84 -7.73 -5.23
N ALA A 318 15.73 -7.44 -4.29
CA ALA A 318 16.05 -6.08 -3.87
C ALA A 318 16.52 -5.18 -5.01
N ARG A 319 17.38 -5.70 -5.89
CA ARG A 319 17.94 -4.89 -6.98
C ARG A 319 16.87 -4.38 -7.97
N LEU A 320 16.09 -5.31 -8.50
CA LEU A 320 15.02 -4.97 -9.43
C LEU A 320 13.91 -4.20 -8.72
N TYR A 321 13.71 -4.53 -7.45
CA TYR A 321 12.72 -3.85 -6.62
C TYR A 321 13.10 -2.38 -6.52
N LYS A 322 14.38 -2.13 -6.26
CA LYS A 322 14.89 -0.77 -6.16
C LYS A 322 14.73 -0.04 -7.49
N VAL A 323 14.96 -0.74 -8.59
CA VAL A 323 14.73 -0.14 -9.90
C VAL A 323 13.27 0.32 -10.06
N ALA A 324 12.34 -0.57 -9.74
CA ALA A 324 10.92 -0.27 -9.91
C ALA A 324 10.46 0.87 -9.01
N VAL A 325 10.88 0.82 -7.75
CA VAL A 325 10.53 1.86 -6.78
C VAL A 325 11.10 3.21 -7.19
N GLY A 326 12.33 3.18 -7.71
CA GLY A 326 12.96 4.41 -8.16
C GLY A 326 12.23 5.01 -9.35
N PHE A 327 11.83 4.17 -10.30
CA PHE A 327 11.03 4.63 -11.43
C PHE A 327 9.73 5.26 -10.97
N MET A 328 9.00 4.56 -10.09
CA MET A 328 7.74 5.06 -9.58
C MET A 328 7.91 6.41 -8.89
N LEU A 329 8.94 6.52 -8.06
CA LEU A 329 9.17 7.72 -7.26
C LEU A 329 9.66 8.89 -8.10
N ALA A 330 10.26 8.60 -9.26
CA ALA A 330 10.67 9.67 -10.18
C ALA A 330 9.51 10.13 -11.06
N HIS A 331 8.60 9.22 -11.37
CA HIS A 331 7.51 9.47 -12.32
C HIS A 331 6.34 10.24 -11.68
N PRO A 332 5.79 11.23 -12.40
CA PRO A 332 4.74 12.10 -11.86
C PRO A 332 3.39 11.42 -11.59
N TYR A 333 3.16 10.25 -12.17
CA TYR A 333 1.86 9.60 -12.06
C TYR A 333 1.51 9.18 -10.63
N GLY A 334 0.34 9.60 -10.15
CA GLY A 334 -0.19 9.07 -8.92
C GLY A 334 0.41 9.63 -7.65
N PHE A 335 -0.19 9.30 -6.52
CA PHE A 335 0.39 9.57 -5.21
C PHE A 335 1.06 8.30 -4.72
N THR A 336 2.32 8.41 -4.31
CA THR A 336 3.15 7.23 -4.10
C THR A 336 3.17 6.76 -2.65
N ARG A 337 3.04 5.44 -2.49
CA ARG A 337 3.18 4.78 -1.20
C ARG A 337 4.31 3.75 -1.27
N VAL A 338 5.25 3.83 -0.33
CA VAL A 338 6.34 2.85 -0.27
C VAL A 338 6.06 1.83 0.81
N MET A 339 6.39 0.57 0.54
CA MET A 339 6.10 -0.49 1.48
C MET A 339 7.25 -0.62 2.45
N SER A 340 6.93 -0.94 3.69
CA SER A 340 7.92 -1.32 4.68
C SER A 340 7.51 -2.61 5.37
N SER A 341 8.38 -3.61 5.32
CA SER A 341 7.96 -4.97 5.59
C SER A 341 8.75 -5.59 6.73
N TYR A 342 8.33 -6.79 7.12
CA TYR A 342 9.15 -7.66 7.94
C TYR A 342 9.39 -8.94 7.15
N ARG A 343 10.53 -9.58 7.34
CA ARG A 343 10.80 -10.80 6.60
C ARG A 343 10.34 -12.05 7.35
N TRP A 344 9.63 -12.91 6.64
CA TRP A 344 9.15 -14.17 7.19
C TRP A 344 9.83 -15.29 6.45
N ALA A 345 9.76 -16.51 6.98
CA ALA A 345 10.40 -17.64 6.35
C ALA A 345 9.47 -18.13 5.25
N ARG A 346 9.74 -17.73 4.01
CA ARG A 346 8.91 -18.18 2.90
C ARG A 346 9.16 -19.65 2.66
N ASN A 347 8.09 -20.36 2.31
CA ASN A 347 8.17 -21.77 1.98
C ASN A 347 7.20 -22.12 0.87
N PHE A 348 7.69 -22.14 -0.37
CA PHE A 348 6.79 -22.41 -1.48
C PHE A 348 6.61 -23.91 -1.66
N VAL A 349 5.36 -24.32 -1.61
CA VAL A 349 4.96 -25.70 -1.86
C VAL A 349 3.89 -25.70 -2.95
N ASN A 350 4.18 -26.36 -4.08
CA ASN A 350 3.34 -26.31 -5.27
C ASN A 350 2.86 -24.90 -5.61
N GLY A 351 3.81 -23.97 -5.63
CA GLY A 351 3.57 -22.59 -6.03
C GLY A 351 2.95 -21.71 -4.97
N GLU A 352 2.56 -22.31 -3.85
CA GLU A 352 1.98 -21.58 -2.73
C GLU A 352 2.96 -21.42 -1.58
N ASP A 353 3.12 -20.20 -1.09
CA ASP A 353 3.94 -19.96 0.08
C ASP A 353 3.08 -20.29 1.28
N VAL A 354 3.35 -21.42 1.92
CA VAL A 354 2.52 -21.87 3.03
C VAL A 354 2.80 -21.13 4.32
N ASN A 355 3.82 -20.28 4.34
CA ASN A 355 4.07 -19.42 5.48
C ASN A 355 3.72 -17.95 5.22
N ASP A 356 2.92 -17.70 4.19
CA ASP A 356 2.52 -16.33 3.86
C ASP A 356 1.55 -15.72 4.88
N TRP A 357 1.18 -16.52 5.89
CA TRP A 357 0.26 -16.07 6.92
C TRP A 357 1.01 -15.46 8.11
N ILE A 358 2.31 -15.72 8.19
CA ILE A 358 3.08 -15.40 9.38
C ILE A 358 3.01 -13.91 9.72
N GLY A 359 2.73 -13.62 10.99
CA GLY A 359 2.57 -12.27 11.46
C GLY A 359 3.92 -11.64 11.75
N PRO A 360 3.92 -10.40 12.25
CA PRO A 360 5.16 -9.66 12.48
C PRO A 360 6.04 -10.36 13.50
N PRO A 361 7.34 -10.03 13.52
CA PRO A 361 8.28 -10.61 14.50
C PRO A 361 7.75 -10.47 15.92
N ASN A 362 7.79 -11.57 16.67
CA ASN A 362 7.13 -11.60 17.97
C ASN A 362 7.72 -12.63 18.91
N ASN A 363 7.59 -12.36 20.20
CA ASN A 363 7.86 -13.34 21.25
C ASN A 363 6.54 -13.75 21.88
N ASN A 364 6.08 -14.95 21.55
CA ASN A 364 4.85 -15.50 22.10
C ASN A 364 3.64 -14.59 21.83
N GLY A 365 3.61 -14.03 20.63
CA GLY A 365 2.52 -13.17 20.21
C GLY A 365 2.73 -11.69 20.49
N VAL A 366 3.75 -11.37 21.29
CA VAL A 366 4.06 -9.98 21.56
C VAL A 366 5.07 -9.46 20.53
N ILE A 367 4.69 -8.42 19.80
CA ILE A 367 5.50 -7.90 18.70
C ILE A 367 6.84 -7.36 19.17
N LYS A 368 7.91 -7.70 18.44
CA LYS A 368 9.25 -7.25 18.78
C LYS A 368 9.41 -5.78 18.40
N GLU A 369 10.14 -5.04 19.23
CA GLU A 369 10.42 -3.64 18.97
C GLU A 369 11.29 -3.49 17.71
N VAL A 370 11.19 -2.34 17.06
CA VAL A 370 12.06 -2.08 15.92
C VAL A 370 13.39 -1.54 16.42
N THR A 371 14.43 -2.35 16.27
CA THR A 371 15.78 -1.96 16.65
C THR A 371 16.54 -1.42 15.44
N ILE A 372 17.37 -0.41 15.66
CA ILE A 372 18.15 0.19 14.58
C ILE A 372 19.62 -0.20 14.70
N ASN A 373 20.16 -0.75 13.62
CA ASN A 373 21.57 -1.12 13.57
C ASN A 373 22.43 0.10 13.23
N ALA A 374 23.74 -0.03 13.46
CA ALA A 374 24.67 1.08 13.27
C ALA A 374 24.70 1.57 11.83
N ASP A 375 24.41 0.68 10.89
CA ASP A 375 24.43 1.01 9.46
C ASP A 375 23.07 1.54 9.00
N THR A 376 22.19 1.79 9.96
CA THR A 376 20.86 2.41 9.77
C THR A 376 19.82 1.40 9.26
N THR A 377 20.23 0.15 9.12
CA THR A 377 19.28 -0.93 8.87
C THR A 377 18.55 -1.29 10.16
N CYS A 378 17.55 -2.15 10.06
CA CYS A 378 16.79 -2.57 11.23
C CYS A 378 17.11 -4.00 11.63
N GLY A 379 17.02 -4.27 12.94
CA GLY A 379 17.13 -5.62 13.45
C GLY A 379 15.75 -6.23 13.73
N ASN A 380 15.74 -7.38 14.39
CA ASN A 380 14.50 -8.05 14.78
C ASN A 380 13.61 -8.40 13.59
N ASP A 381 14.23 -8.60 12.43
CA ASP A 381 13.54 -9.06 11.22
C ASP A 381 12.60 -8.05 10.57
N TRP A 382 12.72 -6.77 10.95
CA TRP A 382 12.11 -5.69 10.18
C TRP A 382 13.02 -5.37 9.00
N VAL A 383 12.45 -5.36 7.79
CA VAL A 383 13.24 -5.13 6.58
C VAL A 383 13.58 -3.65 6.40
N CYS A 384 12.62 -2.78 6.71
CA CYS A 384 12.81 -1.33 6.61
C CYS A 384 13.31 -0.86 5.24
N GLU A 385 12.59 -1.24 4.19
CA GLU A 385 12.90 -0.77 2.84
C GLU A 385 12.93 0.75 2.76
N HIS A 386 12.11 1.41 3.57
CA HIS A 386 12.02 2.87 3.57
C HIS A 386 13.30 3.51 4.10
N ARG A 387 14.17 2.70 4.68
CA ARG A 387 15.47 3.17 5.15
C ARG A 387 16.61 2.93 4.15
N TRP A 388 16.33 2.17 3.10
CA TRP A 388 17.33 1.95 2.05
C TRP A 388 17.64 3.28 1.39
N ARG A 389 18.93 3.57 1.23
CA ARG A 389 19.39 4.84 0.65
C ARG A 389 18.74 5.10 -0.69
N GLU A 390 18.69 4.06 -1.51
CA GLU A 390 18.18 4.14 -2.87
C GLU A 390 16.69 4.49 -2.90
N ILE A 391 15.97 4.10 -1.85
CA ILE A 391 14.55 4.41 -1.74
C ILE A 391 14.26 5.75 -1.05
N ARG A 392 14.92 6.00 0.08
CA ARG A 392 14.69 7.25 0.80
C ARG A 392 15.15 8.47 -0.01
N ASN A 393 16.28 8.35 -0.69
CA ASN A 393 16.76 9.43 -1.54
C ASN A 393 15.85 9.70 -2.72
N MET A 394 15.10 8.68 -3.13
CA MET A 394 14.12 8.85 -4.19
C MET A 394 12.81 9.45 -3.66
N VAL A 395 12.51 9.18 -2.39
CA VAL A 395 11.41 9.88 -1.72
C VAL A 395 11.71 11.37 -1.68
N TRP A 396 12.96 11.68 -1.34
CA TRP A 396 13.41 13.06 -1.31
C TRP A 396 13.36 13.63 -2.72
N PHE A 397 13.84 12.84 -3.69
CA PHE A 397 13.77 13.21 -5.10
C PHE A 397 12.35 13.66 -5.45
N ARG A 398 11.38 12.83 -5.08
CA ARG A 398 9.98 13.12 -5.41
C ARG A 398 9.53 14.41 -4.76
N ASN A 399 10.00 14.67 -3.54
CA ASN A 399 9.66 15.94 -2.90
C ASN A 399 10.25 17.12 -3.68
N VAL A 400 11.52 16.99 -4.06
CA VAL A 400 12.24 18.05 -4.77
C VAL A 400 11.61 18.43 -6.12
N VAL A 401 11.16 17.43 -6.87
CA VAL A 401 10.67 17.64 -8.23
C VAL A 401 9.15 17.80 -8.34
N ASP A 402 8.47 17.84 -7.19
CA ASP A 402 7.02 17.93 -7.16
C ASP A 402 6.52 19.12 -7.98
N GLY A 403 5.56 18.86 -8.87
CA GLY A 403 5.00 19.91 -9.70
C GLY A 403 5.66 20.08 -11.06
N GLN A 404 6.82 19.45 -11.24
CA GLN A 404 7.57 19.61 -12.49
C GLN A 404 7.08 18.61 -13.53
N PRO A 405 6.99 19.06 -14.79
CA PRO A 405 6.43 18.21 -15.84
C PRO A 405 7.41 17.15 -16.33
N PHE A 406 6.86 16.03 -16.81
CA PHE A 406 7.61 15.02 -17.54
C PHE A 406 8.36 15.67 -18.70
N ALA A 407 9.65 15.38 -18.82
CA ALA A 407 10.46 16.04 -19.86
C ALA A 407 11.65 15.19 -20.24
N ASN A 408 12.23 15.49 -21.40
CA ASN A 408 13.53 14.96 -21.82
C ASN A 408 13.63 13.44 -21.72
N TRP A 409 12.57 12.75 -22.12
CA TRP A 409 12.58 11.31 -22.22
C TRP A 409 13.61 10.84 -23.25
N TRP A 410 14.29 9.75 -22.91
CA TRP A 410 15.19 9.07 -23.84
C TRP A 410 15.08 7.57 -23.64
N ASP A 411 15.21 6.81 -24.71
CA ASP A 411 15.41 5.36 -24.59
C ASP A 411 16.32 4.81 -25.69
N ASN A 412 16.84 3.61 -25.48
CA ASN A 412 17.70 2.97 -26.46
C ASN A 412 16.94 1.97 -27.34
N GLY A 413 15.62 2.03 -27.31
CA GLY A 413 14.80 1.10 -28.06
C GLY A 413 14.73 -0.28 -27.43
N SER A 414 15.28 -0.39 -26.23
CA SER A 414 15.32 -1.65 -25.51
C SER A 414 14.94 -1.47 -24.04
N ASN A 415 15.93 -1.56 -23.15
CA ASN A 415 15.68 -1.49 -21.71
C ASN A 415 16.56 -0.48 -21.00
N GLN A 416 17.07 0.48 -21.76
CA GLN A 416 17.77 1.63 -21.21
C GLN A 416 16.88 2.84 -21.40
N VAL A 417 16.55 3.52 -20.31
CA VAL A 417 15.58 4.61 -20.38
C VAL A 417 16.02 5.79 -19.52
N ALA A 418 15.52 6.98 -19.81
CA ALA A 418 15.81 8.15 -18.98
C ALA A 418 14.73 9.20 -19.13
N PHE A 419 14.52 9.98 -18.07
CA PHE A 419 13.64 11.15 -18.19
C PHE A 419 13.91 12.13 -17.06
N GLY A 420 13.38 13.34 -17.19
CA GLY A 420 13.51 14.32 -16.14
C GLY A 420 12.20 14.90 -15.67
N ARG A 421 12.29 15.78 -14.67
CA ARG A 421 11.13 16.47 -14.14
C ARG A 421 11.43 17.95 -14.18
N GLY A 422 10.93 18.63 -15.21
CA GLY A 422 11.27 20.01 -15.47
C GLY A 422 12.77 20.26 -15.37
N ASN A 423 13.15 21.30 -14.64
CA ASN A 423 14.55 21.60 -14.41
C ASN A 423 15.05 21.25 -13.02
N ARG A 424 14.36 20.33 -12.35
CA ARG A 424 14.67 20.04 -10.95
C ARG A 424 15.14 18.61 -10.68
N GLY A 425 15.03 17.72 -11.66
CA GLY A 425 15.53 16.37 -11.49
C GLY A 425 15.66 15.57 -12.77
N PHE A 426 16.49 14.52 -12.72
CA PHE A 426 16.70 13.66 -13.87
C PHE A 426 17.09 12.27 -13.40
N ILE A 427 16.61 11.27 -14.13
CA ILE A 427 16.86 9.87 -13.78
C ILE A 427 17.16 9.02 -15.02
N VAL A 428 18.05 8.04 -14.84
CA VAL A 428 18.54 7.20 -15.92
C VAL A 428 18.63 5.75 -15.46
N PHE A 429 18.11 4.83 -16.28
CA PHE A 429 18.04 3.41 -15.96
C PHE A 429 18.73 2.59 -17.05
N ASN A 430 19.47 1.58 -16.62
CA ASN A 430 20.00 0.55 -17.53
C ASN A 430 19.50 -0.83 -17.15
N ASN A 431 18.49 -1.32 -17.86
CA ASN A 431 17.97 -2.66 -17.62
C ASN A 431 18.26 -3.63 -18.77
N ASP A 432 19.25 -3.29 -19.59
CA ASP A 432 19.74 -4.19 -20.61
C ASP A 432 20.95 -4.97 -20.12
N ASP A 433 21.28 -6.05 -20.82
CA ASP A 433 22.42 -6.88 -20.45
C ASP A 433 23.72 -6.38 -21.09
N TRP A 434 23.86 -5.07 -21.21
CA TRP A 434 25.11 -4.47 -21.69
C TRP A 434 25.27 -3.06 -21.14
N GLN A 435 26.44 -2.48 -21.37
CA GLN A 435 26.79 -1.17 -20.84
C GLN A 435 25.87 -0.06 -21.35
N LEU A 436 25.49 0.83 -20.43
CA LEU A 436 24.86 2.09 -20.81
C LEU A 436 25.94 3.16 -20.82
N SER A 437 26.04 3.89 -21.93
CA SER A 437 27.02 4.96 -22.05
C SER A 437 26.50 6.00 -23.04
N SER A 438 25.79 7.00 -22.53
CA SER A 438 25.14 7.95 -23.41
C SER A 438 25.21 9.37 -22.91
N THR A 439 25.21 10.33 -23.83
CA THR A 439 25.15 11.73 -23.45
C THR A 439 23.72 12.22 -23.61
N LEU A 440 23.12 12.63 -22.50
CA LEU A 440 21.69 12.92 -22.47
C LEU A 440 21.42 14.34 -22.01
N GLN A 441 20.34 14.92 -22.54
CA GLN A 441 19.85 16.21 -22.07
C GLN A 441 19.10 16.02 -20.76
N THR A 442 19.60 16.64 -19.70
CA THR A 442 19.01 16.47 -18.37
C THR A 442 17.98 17.53 -18.04
N GLY A 443 17.98 18.63 -18.77
CA GLY A 443 17.12 19.76 -18.44
C GLY A 443 17.59 20.54 -17.22
N LEU A 444 18.69 20.12 -16.63
CA LEU A 444 19.17 20.71 -15.38
C LEU A 444 20.22 21.77 -15.68
N PRO A 445 20.32 22.79 -14.79
CA PRO A 445 21.39 23.79 -14.85
C PRO A 445 22.76 23.11 -14.75
N GLY A 446 23.76 23.69 -15.39
CA GLY A 446 25.11 23.17 -15.33
C GLY A 446 25.68 23.09 -13.94
N GLY A 447 26.52 22.09 -13.70
CA GLY A 447 27.16 21.91 -12.42
C GLY A 447 27.48 20.46 -12.16
N THR A 448 27.95 20.15 -10.96
CA THR A 448 28.27 18.77 -10.61
C THR A 448 27.23 18.29 -9.61
N TYR A 449 26.62 17.15 -9.89
CA TYR A 449 25.52 16.66 -9.07
C TYR A 449 25.90 15.31 -8.50
N CYS A 450 25.53 15.09 -7.24
CA CYS A 450 25.70 13.80 -6.61
C CYS A 450 24.61 12.85 -7.06
N ASN A 451 25.00 11.64 -7.45
CA ASN A 451 24.02 10.58 -7.68
C ASN A 451 23.49 10.10 -6.34
N VAL A 452 22.20 10.25 -6.12
CA VAL A 452 21.63 9.91 -4.82
C VAL A 452 21.25 8.45 -4.68
N ILE A 453 21.43 7.68 -5.76
CA ILE A 453 21.24 6.24 -5.69
C ILE A 453 22.47 5.49 -5.16
N SER A 454 23.65 5.87 -5.65
CA SER A 454 24.89 5.22 -5.23
C SER A 454 25.49 5.90 -4.02
N GLY A 455 25.01 7.10 -3.70
CA GLY A 455 25.59 7.88 -2.62
C GLY A 455 24.73 9.06 -2.21
N ASP A 456 25.34 10.05 -1.59
CA ASP A 456 24.61 11.20 -1.05
C ASP A 456 25.36 12.50 -1.23
N LYS A 457 24.64 13.61 -1.31
CA LYS A 457 25.29 14.89 -1.10
C LYS A 457 25.35 15.05 0.42
N VAL A 458 26.57 15.18 0.94
CA VAL A 458 26.78 15.38 2.36
C VAL A 458 27.65 16.63 2.52
N GLY A 459 27.07 17.67 3.11
CA GLY A 459 27.68 18.98 3.07
C GLY A 459 28.00 19.36 1.63
N ASN A 460 29.26 19.65 1.31
CA ASN A 460 29.56 20.09 -0.04
C ASN A 460 30.32 19.08 -0.91
N SER A 461 30.04 17.79 -0.72
CA SER A 461 30.77 16.77 -1.47
C SER A 461 29.84 15.59 -1.77
N CYS A 462 30.34 14.63 -2.55
CA CYS A 462 29.54 13.46 -2.90
C CYS A 462 30.14 12.19 -2.32
N THR A 463 29.30 11.30 -1.80
CA THR A 463 29.78 10.06 -1.23
C THR A 463 29.76 8.92 -2.25
N GLY A 464 29.09 9.16 -3.37
CA GLY A 464 29.03 8.18 -4.45
C GLY A 464 29.45 8.73 -5.80
N ILE A 465 28.74 8.28 -6.84
CA ILE A 465 29.00 8.71 -8.22
C ILE A 465 28.71 10.19 -8.40
N LYS A 466 29.55 10.87 -9.18
CA LYS A 466 29.32 12.26 -9.55
C LYS A 466 28.93 12.38 -11.03
N VAL A 467 27.99 13.26 -11.31
CA VAL A 467 27.53 13.52 -12.67
C VAL A 467 27.85 14.96 -13.03
N TYR A 468 28.64 15.16 -14.08
CA TYR A 468 28.93 16.51 -14.55
C TYR A 468 27.97 16.94 -15.65
N VAL A 469 27.13 17.92 -15.35
CA VAL A 469 26.21 18.48 -16.33
C VAL A 469 26.77 19.75 -16.93
N SER A 470 26.91 19.79 -18.26
CA SER A 470 27.39 20.97 -18.94
C SER A 470 26.35 22.10 -18.88
N SER A 471 26.77 23.30 -19.28
CA SER A 471 25.89 24.46 -19.30
C SER A 471 24.69 24.30 -20.24
N ASP A 472 24.86 23.53 -21.31
CA ASP A 472 23.75 23.29 -22.23
C ASP A 472 22.81 22.20 -21.73
N GLY A 473 23.10 21.67 -20.55
CA GLY A 473 22.22 20.71 -19.90
C GLY A 473 22.45 19.25 -20.24
N THR A 474 23.52 18.96 -20.96
CA THR A 474 23.82 17.58 -21.34
C THR A 474 24.85 16.98 -20.37
N ALA A 475 24.81 15.66 -20.21
CA ALA A 475 25.76 14.99 -19.34
C ALA A 475 26.02 13.58 -19.83
N GLN A 476 27.22 13.07 -19.57
CA GLN A 476 27.53 11.67 -19.85
C GLN A 476 27.04 10.79 -18.70
N PHE A 477 26.38 9.69 -19.06
CA PHE A 477 25.96 8.67 -18.11
C PHE A 477 26.53 7.31 -18.47
N SER A 478 27.26 6.72 -17.52
CA SER A 478 27.87 5.41 -17.69
C SER A 478 27.41 4.44 -16.60
N ILE A 479 26.61 3.44 -16.98
CA ILE A 479 26.06 2.50 -16.02
C ILE A 479 26.25 1.08 -16.55
N SER A 480 27.04 0.27 -15.84
CA SER A 480 27.25 -1.12 -16.21
C SER A 480 26.01 -1.94 -15.89
N ASN A 481 25.73 -2.95 -16.72
CA ASN A 481 24.67 -3.90 -16.42
C ASN A 481 24.97 -4.80 -15.23
N SER A 482 26.21 -4.77 -14.76
CA SER A 482 26.61 -5.53 -13.58
C SER A 482 26.66 -4.65 -12.33
N ALA A 483 26.23 -3.40 -12.47
CA ALA A 483 26.25 -2.47 -11.35
C ALA A 483 25.31 -2.93 -10.25
N GLN A 484 25.67 -2.61 -9.01
CA GLN A 484 24.86 -2.96 -7.85
C GLN A 484 23.45 -2.37 -7.97
N ASP A 485 23.41 -1.12 -8.43
CA ASP A 485 22.16 -0.43 -8.71
C ASP A 485 22.24 0.17 -10.10
N PRO A 486 21.59 -0.47 -11.08
CA PRO A 486 21.80 0.01 -12.46
C PRO A 486 20.94 1.21 -12.83
N PHE A 487 20.94 2.23 -11.96
CA PHE A 487 20.28 3.49 -12.28
C PHE A 487 20.87 4.64 -11.47
N ILE A 488 20.80 5.84 -12.04
CA ILE A 488 21.35 7.04 -11.43
C ILE A 488 20.28 8.13 -11.39
N ALA A 489 20.23 8.88 -10.30
CA ALA A 489 19.26 9.95 -10.17
C ALA A 489 19.92 11.18 -9.55
N ILE A 490 19.67 12.33 -10.15
CA ILE A 490 20.23 13.60 -9.67
C ILE A 490 19.14 14.66 -9.62
N HIS A 491 19.26 15.60 -8.70
CA HIS A 491 18.29 16.67 -8.58
C HIS A 491 18.88 17.94 -7.99
N ALA A 492 18.07 19.00 -7.95
CA ALA A 492 18.52 20.36 -7.63
C ALA A 492 19.20 20.45 -6.28
N GLU A 493 18.70 19.71 -5.29
CA GLU A 493 19.30 19.71 -3.96
C GLU A 493 20.48 18.74 -3.80
N SER A 494 20.85 18.05 -4.88
CA SER A 494 22.07 17.25 -4.85
C SER A 494 23.24 17.89 -5.64
N LYS A 495 23.01 19.07 -6.19
CA LYS A 495 24.07 19.78 -6.90
C LYS A 495 25.09 20.33 -5.91
N LEU A 496 26.36 20.19 -6.24
CA LEU A 496 27.43 20.78 -5.45
C LEU A 496 27.55 22.28 -5.73
N GLU B 1 5.89 -15.41 -16.37
CA GLU B 1 5.19 -16.21 -15.36
C GLU B 1 3.80 -15.65 -15.07
N SER B 2 3.71 -14.85 -14.01
CA SER B 2 2.44 -14.39 -13.43
C SER B 2 1.76 -15.51 -12.65
N GLY B 3 1.54 -16.64 -13.33
CA GLY B 3 0.99 -17.83 -12.71
C GLY B 3 -0.51 -17.77 -12.56
N ASN B 4 -1.11 -18.84 -12.05
CA ASN B 4 -2.52 -18.80 -11.70
C ASN B 4 -2.75 -18.62 -10.21
N SER B 5 -3.61 -17.65 -9.90
CA SER B 5 -3.76 -17.16 -8.55
C SER B 5 -4.89 -16.16 -8.62
N CYS B 6 -5.83 -16.27 -7.70
CA CYS B 6 -6.93 -15.30 -7.69
C CYS B 6 -7.16 -14.81 -6.27
N TYR B 7 -6.74 -13.57 -6.05
CA TYR B 7 -6.81 -12.94 -4.74
C TYR B 7 -8.23 -12.50 -4.44
N ILE B 8 -8.69 -12.79 -3.24
CA ILE B 8 -10.04 -12.46 -2.82
C ILE B 8 -10.04 -11.43 -1.70
N TYR B 9 -9.33 -11.77 -0.62
CA TYR B 9 -9.21 -10.87 0.52
C TYR B 9 -8.01 -11.29 1.36
N HIS B 10 -7.71 -10.51 2.39
CA HIS B 10 -6.54 -10.75 3.25
C HIS B 10 -6.48 -12.17 3.81
N GLY B 11 -5.50 -12.96 3.33
CA GLY B 11 -5.32 -14.31 3.77
C GLY B 11 -6.14 -15.32 2.98
N VAL B 12 -6.78 -14.87 1.91
CA VAL B 12 -7.59 -15.75 1.09
C VAL B 12 -7.27 -15.59 -0.40
N SER B 13 -6.53 -16.55 -0.95
CA SER B 13 -6.25 -16.55 -2.38
C SER B 13 -6.53 -17.94 -2.93
N GLY B 14 -7.09 -17.99 -4.14
CA GLY B 14 -7.42 -19.26 -4.76
C GLY B 14 -6.60 -19.61 -5.99
N ILE B 15 -6.97 -20.74 -6.60
CA ILE B 15 -6.40 -21.18 -7.86
C ILE B 15 -7.48 -21.23 -8.94
N CYS B 16 -7.18 -20.67 -10.10
CA CYS B 16 -8.12 -20.66 -11.22
C CYS B 16 -8.27 -22.05 -11.84
N LYS B 17 -9.48 -22.59 -11.75
CA LYS B 17 -9.80 -23.92 -12.28
C LYS B 17 -11.18 -23.90 -12.95
N ALA B 18 -11.43 -24.88 -13.79
CA ALA B 18 -12.75 -25.05 -14.41
C ALA B 18 -13.78 -25.52 -13.38
N SER B 19 -13.36 -26.40 -12.47
CA SER B 19 -14.21 -26.81 -11.37
C SER B 19 -13.39 -27.05 -10.11
N CYS B 20 -13.99 -26.81 -8.95
CA CYS B 20 -13.27 -26.85 -7.69
C CYS B 20 -13.40 -28.20 -6.98
N ALA B 21 -12.39 -28.53 -6.19
CA ALA B 21 -12.38 -29.77 -5.41
C ALA B 21 -13.56 -29.87 -4.44
N GLU B 22 -13.74 -31.05 -3.86
CA GLU B 22 -14.81 -31.28 -2.89
C GLU B 22 -14.68 -30.37 -1.66
N ASP B 23 -13.45 -30.05 -1.28
CA ASP B 23 -13.20 -29.28 -0.06
C ASP B 23 -12.83 -27.83 -0.37
N GLU B 24 -13.15 -27.39 -1.58
CA GLU B 24 -12.86 -26.02 -1.98
C GLU B 24 -14.14 -25.23 -2.22
N LYS B 25 -14.02 -23.91 -2.16
CA LYS B 25 -15.15 -23.02 -2.42
C LYS B 25 -14.91 -22.26 -3.72
N ALA B 26 -15.98 -21.97 -4.44
CA ALA B 26 -15.83 -21.34 -5.75
C ALA B 26 -16.22 -19.87 -5.76
N MET B 27 -15.47 -19.10 -6.54
CA MET B 27 -15.81 -17.71 -6.82
C MET B 27 -15.84 -17.47 -8.34
N ALA B 28 -17.02 -17.24 -8.88
CA ALA B 28 -17.17 -16.96 -10.30
C ALA B 28 -16.90 -15.49 -10.60
N GLY B 29 -16.69 -15.19 -11.88
CA GLY B 29 -16.72 -13.83 -12.37
C GLY B 29 -15.45 -13.02 -12.13
N MET B 30 -14.38 -13.68 -11.72
CA MET B 30 -13.11 -12.99 -11.51
C MET B 30 -12.31 -12.94 -12.80
N GLY B 31 -12.01 -11.71 -13.24
CA GLY B 31 -11.28 -11.47 -14.47
C GLY B 31 -10.02 -12.28 -14.72
N VAL B 32 -9.23 -12.49 -13.67
CA VAL B 32 -7.93 -13.15 -13.84
C VAL B 32 -8.02 -14.64 -14.11
N CYS B 33 -9.20 -15.22 -13.86
CA CYS B 33 -9.42 -16.63 -14.16
C CYS B 33 -9.85 -16.81 -15.62
N GLU B 34 -10.27 -15.71 -16.24
CA GLU B 34 -10.59 -15.70 -17.67
C GLU B 34 -11.73 -16.67 -18.04
N GLY B 35 -12.80 -16.65 -17.25
CA GLY B 35 -13.92 -17.54 -17.48
C GLY B 35 -13.97 -18.71 -16.53
N HIS B 36 -12.84 -19.01 -15.90
CA HIS B 36 -12.77 -20.10 -14.94
C HIS B 36 -13.32 -19.67 -13.59
N LEU B 37 -13.40 -20.63 -12.67
CA LEU B 37 -13.72 -20.35 -11.27
C LEU B 37 -12.43 -20.09 -10.47
N CYS B 38 -12.56 -19.30 -9.41
CA CYS B 38 -11.48 -19.21 -8.43
C CYS B 38 -11.76 -20.19 -7.29
N CYS B 39 -10.84 -21.13 -7.10
CA CYS B 39 -11.06 -22.23 -6.14
C CYS B 39 -10.15 -22.03 -4.93
N TYR B 40 -10.77 -21.73 -3.80
CA TYR B 40 -10.02 -21.34 -2.61
C TYR B 40 -10.48 -22.08 -1.38
N LYS B 41 -9.70 -21.94 -0.31
CA LYS B 41 -10.13 -22.33 1.03
C LYS B 41 -9.89 -21.14 1.94
N THR B 42 -10.80 -20.89 2.86
CA THR B 42 -10.56 -19.86 3.86
C THR B 42 -9.85 -20.49 5.05
N PRO B 43 -8.89 -19.78 5.64
CA PRO B 43 -8.14 -20.31 6.77
C PRO B 43 -8.90 -20.20 8.09
N TRP B 44 -10.22 -20.07 8.00
CA TRP B 44 -11.09 -20.09 9.16
C TRP B 44 -12.41 -20.79 8.85
#